data_2KF8
#
_entry.id   2KF8
#
_entity_poly.entity_id   1
_entity_poly.type   'polydeoxyribonucleotide'
_entity_poly.pdbx_seq_one_letter_code
;(DG)(DG)(DG)(DT)(DT)(DA)(DG)(DG)(DG)(DT)(DT)(DA)(DG)(DG)(DG)(DT)(DT)(DA)(DG)(DG)
(DG)(DT)
;
_entity_poly.pdbx_strand_id   A
#